data_5GL9
#
_entry.id   5GL9
#
_cell.length_a   75.933
_cell.length_b   81.637
_cell.length_c   36.834
_cell.angle_alpha   90.00
_cell.angle_beta   90.00
_cell.angle_gamma   90.00
#
_symmetry.space_group_name_H-M   'P 21 21 2'
#
loop_
_entity.id
_entity.type
_entity.pdbx_description
1 polymer Beta-lactamase
2 non-polymer GLYCEROL
3 water water
#
_entity_poly.entity_id   1
_entity_poly.type   'polypeptide(L)'
_entity_poly.pdbx_seq_one_letter_code
;GSHMRNVAAEQQLRELESTFDGRLGFVALDTATGARIAHRADERFPFCSTFKTMLSAAVLARSAGDAALLQRRIPYAKRD
LVRYSPITEKHVGAGMTVAELCAATLQYSDNTAANLLIALLGGPQAVTAYARSIGDATFRLDRRETELNTAIPGDERDTT
TPAAMAASVRRLLVGDALGTAQRAQLNAWMLGNKTGDARIRAGVPAGWRVADKTGTGDYGTGNDIGVAYPPDRAPIVFVV
YTTMRSRNAQARDDVIASAARIAARAFV
;
_entity_poly.pdbx_strand_id   A
#
loop_
_chem_comp.id
_chem_comp.type
_chem_comp.name
_chem_comp.formula
GOL non-polymer GLYCEROL 'C3 H8 O3'
#
# COMPACT_ATOMS: atom_id res chain seq x y z
N GLY A 1 5.95 16.77 18.47
CA GLY A 1 4.58 17.19 18.22
C GLY A 1 3.78 17.29 19.51
N SER A 2 2.46 17.40 19.37
CA SER A 2 1.59 17.54 20.53
C SER A 2 0.16 17.14 20.20
N HIS A 3 -0.64 16.93 21.23
CA HIS A 3 -2.04 16.62 21.06
C HIS A 3 -2.77 17.72 20.29
N MET A 4 -2.49 18.99 20.62
CA MET A 4 -3.16 20.09 19.94
C MET A 4 -2.81 20.20 18.46
N ARG A 5 -1.56 19.90 18.11
CA ARG A 5 -1.17 19.90 16.70
C ARG A 5 -1.88 18.76 15.97
N ASN A 6 -2.04 17.63 16.64
CA ASN A 6 -2.70 16.49 16.02
C ASN A 6 -4.18 16.74 15.81
N VAL A 7 -4.81 17.38 16.81
CA VAL A 7 -6.20 17.79 16.73
C VAL A 7 -6.42 18.74 15.55
N ALA A 8 -5.55 19.73 15.42
CA ALA A 8 -5.65 20.71 14.34
C ALA A 8 -5.48 20.02 12.99
N ALA A 9 -4.54 19.07 12.93
CA ALA A 9 -4.31 18.30 11.72
C ALA A 9 -5.59 17.55 11.34
N GLU A 10 -6.23 16.92 12.33
CA GLU A 10 -7.45 16.19 12.07
C GLU A 10 -8.58 17.10 11.54
N GLN A 11 -8.70 18.31 12.09
CA GLN A 11 -9.63 19.27 11.56
C GLN A 11 -9.32 19.63 10.10
N GLN A 12 -8.04 19.83 9.81
CA GLN A 12 -7.62 20.13 8.45
C GLN A 12 -7.92 18.97 7.48
N LEU A 13 -7.81 17.74 7.96
CA LEU A 13 -8.19 16.59 7.14
C LEU A 13 -9.69 16.57 6.86
N ARG A 14 -10.51 16.93 7.85
CA ARG A 14 -11.94 17.02 7.63
C ARG A 14 -12.27 18.10 6.59
N GLU A 15 -11.56 19.22 6.68
CA GLU A 15 -11.75 20.31 5.71
C GLU A 15 -11.34 19.87 4.32
N LEU A 16 -10.22 19.15 4.23
CA LEU A 16 -9.76 18.61 2.95
C LEU A 16 -10.82 17.71 2.33
N GLU A 17 -11.39 16.81 3.13
CA GLU A 17 -12.42 15.93 2.63
C GLU A 17 -13.61 16.72 2.07
N SER A 18 -13.91 17.86 2.69
CA SER A 18 -15.07 18.63 2.27
C SER A 18 -14.90 19.25 0.88
N THR A 19 -13.68 19.23 0.36
CA THR A 19 -13.39 19.82 -0.96
C THR A 19 -13.67 18.86 -2.12
N PHE A 20 -13.87 17.58 -1.84
CA PHE A 20 -14.16 16.63 -2.91
C PHE A 20 -15.38 15.75 -2.63
N ASP A 21 -15.95 15.17 -3.69
CA ASP A 21 -17.17 14.39 -3.58
C ASP A 21 -16.83 12.94 -3.26
N GLY A 22 -16.30 12.73 -2.05
CA GLY A 22 -15.91 11.41 -1.63
C GLY A 22 -15.48 11.42 -0.19
N ARG A 23 -14.83 10.34 0.22
CA ARG A 23 -14.36 10.22 1.60
C ARG A 23 -12.87 9.90 1.69
N LEU A 24 -12.27 10.39 2.77
CA LEU A 24 -10.85 10.28 3.04
C LEU A 24 -10.62 9.40 4.26
N GLY A 25 -9.79 8.39 4.10
CA GLY A 25 -9.39 7.52 5.20
C GLY A 25 -7.90 7.71 5.41
N PHE A 26 -7.51 8.10 6.62
CA PHE A 26 -6.14 8.50 6.84
C PHE A 26 -5.63 8.09 8.21
N VAL A 27 -4.43 7.54 8.22
CA VAL A 27 -3.65 7.40 9.45
C VAL A 27 -2.22 7.75 9.20
N ALA A 28 -1.68 8.62 10.06
CA ALA A 28 -0.24 8.80 10.16
C ALA A 28 0.17 8.45 11.59
N LEU A 29 1.14 7.55 11.71
CA LEU A 29 1.60 7.07 13.00
C LEU A 29 3.04 7.50 13.15
N ASP A 30 3.32 8.32 14.16
CA ASP A 30 4.69 8.74 14.47
C ASP A 30 5.33 7.67 15.33
N THR A 31 6.29 6.92 14.78
CA THR A 31 6.89 5.82 15.54
C THR A 31 7.82 6.31 16.66
N ALA A 32 8.12 7.61 16.69
CA ALA A 32 8.85 8.17 17.84
C ALA A 32 8.04 8.00 19.12
N THR A 33 6.73 8.23 19.03
CA THR A 33 5.88 8.34 20.22
C THR A 33 4.69 7.39 20.22
N GLY A 34 4.34 6.86 19.05
CA GLY A 34 3.12 6.08 18.91
C GLY A 34 1.89 6.93 18.67
N ALA A 35 2.09 8.25 18.60
CA ALA A 35 0.99 9.19 18.37
C ALA A 35 0.40 9.00 16.97
N ARG A 36 -0.91 9.21 16.87
CA ARG A 36 -1.62 8.96 15.64
C ARG A 36 -2.45 10.18 15.24
N ILE A 37 -2.41 10.50 13.96
CA ILE A 37 -3.34 11.44 13.35
C ILE A 37 -4.26 10.61 12.49
N ALA A 38 -5.57 10.69 12.73
CA ALA A 38 -6.51 9.78 12.09
C ALA A 38 -7.74 10.49 11.52
N HIS A 39 -8.27 9.95 10.44
CA HIS A 39 -9.53 10.43 9.87
C HIS A 39 -10.23 9.22 9.27
N ARG A 40 -11.43 8.91 9.78
CA ARG A 40 -12.19 7.73 9.34
C ARG A 40 -11.32 6.46 9.38
N ALA A 41 -10.53 6.34 10.43
CA ALA A 41 -9.52 5.30 10.55
C ALA A 41 -10.09 3.88 10.60
N ASP A 42 -11.35 3.73 11.00
CA ASP A 42 -11.93 2.40 11.12
C ASP A 42 -13.01 2.11 10.09
N GLU A 43 -13.14 2.98 9.08
CA GLU A 43 -14.02 2.68 7.95
C GLU A 43 -13.28 1.78 6.97
N ARG A 44 -14.02 0.89 6.32
CA ARG A 44 -13.41 0.07 5.27
C ARG A 44 -13.29 0.84 3.97
N PHE A 45 -12.17 0.62 3.27
CA PHE A 45 -11.89 1.19 1.98
C PHE A 45 -11.37 0.08 1.07
N PRO A 46 -11.65 0.19 -0.24
CA PRO A 46 -11.02 -0.75 -1.17
C PRO A 46 -9.54 -0.44 -1.28
N PHE A 47 -8.68 -1.41 -1.02
CA PHE A 47 -7.26 -1.15 -0.98
C PHE A 47 -6.58 -1.05 -2.32
N CYS A 48 -7.20 -1.60 -3.32
CA CYS A 48 -6.63 -1.62 -4.66
C CYS A 48 -5.17 -2.08 -4.60
N SER A 49 -4.28 -1.47 -5.37
CA SER A 49 -2.92 -2.02 -5.47
C SER A 49 -2.08 -1.91 -4.21
N THR A 50 -2.57 -1.22 -3.18
CA THR A 50 -1.79 -1.11 -1.95
C THR A 50 -1.62 -2.48 -1.29
N PHE A 51 -2.47 -3.47 -1.61
CA PHE A 51 -2.29 -4.81 -1.06
C PHE A 51 -0.97 -5.45 -1.51
N LYS A 52 -0.36 -4.93 -2.57
CA LYS A 52 0.86 -5.53 -3.10
C LYS A 52 2.02 -5.51 -2.09
N THR A 53 1.94 -4.60 -1.13
CA THR A 53 2.90 -4.60 -0.02
C THR A 53 2.73 -5.86 0.85
N MET A 54 1.49 -6.16 1.23
CA MET A 54 1.17 -7.35 2.01
C MET A 54 1.53 -8.62 1.23
N LEU A 55 1.23 -8.62 -0.06
CA LEU A 55 1.57 -9.71 -0.95
C LEU A 55 3.07 -9.97 -0.99
N SER A 56 3.85 -8.93 -1.19
CA SER A 56 5.30 -9.06 -1.29
C SER A 56 5.95 -9.46 0.05
N ALA A 57 5.40 -8.95 1.15
CA ALA A 57 5.80 -9.39 2.47
C ALA A 57 5.57 -10.89 2.66
N ALA A 58 4.43 -11.40 2.21
CA ALA A 58 4.14 -12.83 2.32
C ALA A 58 5.17 -13.66 1.55
N VAL A 59 5.52 -13.19 0.35
CA VAL A 59 6.50 -13.88 -0.47
C VAL A 59 7.85 -13.87 0.23
N LEU A 60 8.24 -12.71 0.77
CA LEU A 60 9.52 -12.60 1.47
C LEU A 60 9.55 -13.51 2.70
N ALA A 61 8.44 -13.56 3.44
CA ALA A 61 8.38 -14.43 4.62
C ALA A 61 8.61 -15.88 4.22
N ARG A 62 8.02 -16.30 3.11
CA ARG A 62 8.22 -17.66 2.65
C ARG A 62 9.68 -17.89 2.22
N SER A 63 10.28 -16.88 1.61
CA SER A 63 11.67 -17.01 1.15
C SER A 63 12.67 -17.16 2.30
N ALA A 64 12.29 -16.72 3.49
CA ALA A 64 13.16 -16.81 4.67
C ALA A 64 13.54 -18.26 4.97
N GLY A 65 12.64 -19.18 4.67
CA GLY A 65 12.91 -20.60 4.84
C GLY A 65 13.14 -21.35 3.54
N ASP A 66 13.42 -20.60 2.49
CA ASP A 66 13.68 -21.17 1.16
C ASP A 66 14.34 -20.09 0.32
N ALA A 67 15.64 -19.87 0.53
CA ALA A 67 16.33 -18.75 -0.13
C ALA A 67 16.20 -18.77 -1.65
N ALA A 68 16.31 -19.96 -2.23
CA ALA A 68 16.21 -20.14 -3.67
C ALA A 68 14.83 -19.81 -4.28
N LEU A 69 13.81 -19.66 -3.44
CA LEU A 69 12.48 -19.28 -3.92
C LEU A 69 12.53 -18.00 -4.77
N LEU A 70 13.31 -17.03 -4.33
CA LEU A 70 13.37 -15.74 -5.01
C LEU A 70 13.94 -15.84 -6.42
N GLN A 71 14.70 -16.90 -6.70
CA GLN A 71 15.27 -17.10 -8.04
C GLN A 71 14.43 -18.00 -8.94
N ARG A 72 13.37 -18.58 -8.39
CA ARG A 72 12.50 -19.44 -9.20
C ARG A 72 11.86 -18.67 -10.32
N ARG A 73 11.94 -19.20 -11.55
CA ARG A 73 11.30 -18.57 -12.70
C ARG A 73 9.89 -19.10 -12.90
N ILE A 74 8.92 -18.21 -12.99
CA ILE A 74 7.52 -18.57 -13.20
C ILE A 74 7.12 -18.25 -14.63
N PRO A 75 6.83 -19.28 -15.43
CA PRO A 75 6.39 -19.05 -16.81
C PRO A 75 4.92 -18.59 -16.87
N TYR A 76 4.57 -17.88 -17.94
CA TYR A 76 3.18 -17.50 -18.16
C TYR A 76 3.02 -17.14 -19.63
N ALA A 77 1.79 -17.13 -20.11
CA ALA A 77 1.53 -16.82 -21.52
C ALA A 77 0.81 -15.48 -21.67
N LYS A 78 0.75 -14.98 -22.91
CA LYS A 78 0.00 -13.76 -23.21
C LYS A 78 -1.44 -13.84 -22.70
N ARG A 79 -2.05 -15.00 -22.83
CA ARG A 79 -3.45 -15.16 -22.44
C ARG A 79 -3.66 -15.00 -20.92
N ASP A 80 -2.56 -15.04 -20.17
CA ASP A 80 -2.62 -14.90 -18.71
C ASP A 80 -2.46 -13.45 -18.28
N LEU A 81 -2.11 -12.59 -19.23
CA LEU A 81 -1.91 -11.17 -18.91
C LEU A 81 -3.24 -10.54 -18.58
N VAL A 82 -3.21 -9.58 -17.66
CA VAL A 82 -4.37 -8.75 -17.36
C VAL A 82 -3.98 -7.29 -17.58
N ARG A 83 -4.98 -6.39 -17.52
CA ARG A 83 -4.73 -4.97 -17.72
C ARG A 83 -3.65 -4.44 -16.78
N TYR A 84 -2.85 -3.50 -17.28
CA TYR A 84 -1.82 -2.82 -16.50
C TYR A 84 -0.71 -3.77 -16.05
N SER A 85 -0.02 -4.33 -17.04
CA SER A 85 1.09 -5.24 -16.83
C SER A 85 2.31 -4.80 -17.66
N PRO A 86 2.84 -3.59 -17.38
CA PRO A 86 3.88 -3.00 -18.22
C PRO A 86 5.20 -3.77 -18.22
N ILE A 87 5.48 -4.53 -17.16
CA ILE A 87 6.73 -5.28 -17.10
C ILE A 87 6.55 -6.71 -17.58
N THR A 88 5.52 -7.38 -17.07
CA THR A 88 5.31 -8.79 -17.39
C THR A 88 4.97 -9.01 -18.86
N GLU A 89 4.38 -8.00 -19.50
CA GLU A 89 4.03 -8.14 -20.92
C GLU A 89 5.28 -8.31 -21.78
N LYS A 90 6.42 -7.86 -21.26
CA LYS A 90 7.68 -7.94 -21.99
C LYS A 90 8.38 -9.30 -21.85
N HIS A 91 7.86 -10.19 -21.01
CA HIS A 91 8.57 -11.42 -20.71
C HIS A 91 7.68 -12.68 -20.76
N VAL A 92 6.61 -12.62 -21.54
CA VAL A 92 5.73 -13.77 -21.73
C VAL A 92 6.50 -14.96 -22.30
N GLY A 93 6.04 -16.16 -21.94
CA GLY A 93 6.74 -17.38 -22.32
C GLY A 93 7.47 -17.96 -21.12
N ALA A 94 8.79 -17.78 -21.10
CA ALA A 94 9.60 -18.32 -20.01
C ALA A 94 9.31 -17.62 -18.68
N GLY A 95 8.90 -16.36 -18.76
CA GLY A 95 8.51 -15.62 -17.57
C GLY A 95 9.64 -14.93 -16.82
N MET A 96 9.43 -14.74 -15.53
CA MET A 96 10.33 -13.93 -14.71
C MET A 96 10.57 -14.62 -13.38
N THR A 97 11.64 -14.24 -12.67
CA THR A 97 11.87 -14.79 -11.35
C THR A 97 10.93 -14.19 -10.31
N VAL A 98 10.78 -14.90 -9.20
CA VAL A 98 9.94 -14.43 -8.11
C VAL A 98 10.40 -13.04 -7.62
N ALA A 99 11.71 -12.84 -7.45
CA ALA A 99 12.20 -11.52 -7.04
C ALA A 99 11.86 -10.45 -8.06
N GLU A 100 12.02 -10.76 -9.35
CA GLU A 100 11.68 -9.85 -10.42
C GLU A 100 10.17 -9.49 -10.43
N LEU A 101 9.34 -10.49 -10.13
CA LEU A 101 7.90 -10.24 -10.06
C LEU A 101 7.54 -9.34 -8.89
N CYS A 102 8.20 -9.52 -7.75
CA CYS A 102 7.99 -8.64 -6.61
C CYS A 102 8.39 -7.21 -6.95
N ALA A 103 9.55 -7.02 -7.58
CA ALA A 103 10.00 -5.69 -7.95
C ALA A 103 9.02 -5.05 -8.92
N ALA A 104 8.54 -5.84 -9.88
CA ALA A 104 7.61 -5.32 -10.87
C ALA A 104 6.28 -4.91 -10.26
N THR A 105 5.77 -5.72 -9.33
CA THR A 105 4.46 -5.43 -8.77
C THR A 105 4.54 -4.26 -7.79
N LEU A 106 5.66 -4.14 -7.07
CA LEU A 106 5.81 -3.03 -6.14
C LEU A 106 6.20 -1.73 -6.82
N GLN A 107 7.11 -1.77 -7.78
CA GLN A 107 7.64 -0.53 -8.33
C GLN A 107 6.88 0.00 -9.53
N TYR A 108 6.19 -0.87 -10.25
CA TYR A 108 5.40 -0.47 -11.42
C TYR A 108 3.93 -0.84 -11.26
N SER A 109 3.58 -1.44 -10.12
CA SER A 109 2.21 -1.90 -9.86
C SER A 109 1.71 -2.92 -10.88
N ASP A 110 2.65 -3.73 -11.41
CA ASP A 110 2.31 -4.71 -12.43
C ASP A 110 1.27 -5.71 -11.93
N ASN A 111 0.15 -5.80 -12.63
CA ASN A 111 -0.96 -6.63 -12.19
C ASN A 111 -0.80 -8.13 -12.43
N THR A 112 -0.26 -8.52 -13.60
CA THR A 112 -0.01 -9.92 -13.84
C THR A 112 1.02 -10.45 -12.85
N ALA A 113 2.04 -9.64 -12.57
CA ALA A 113 3.02 -10.03 -11.56
C ALA A 113 2.34 -10.34 -10.23
N ALA A 114 1.39 -9.49 -9.83
CA ALA A 114 0.66 -9.76 -8.58
C ALA A 114 -0.11 -11.09 -8.65
N ASN A 115 -0.77 -11.35 -9.78
CA ASN A 115 -1.53 -12.60 -9.91
C ASN A 115 -0.64 -13.82 -9.83
N LEU A 116 0.56 -13.75 -10.43
CA LEU A 116 1.49 -14.86 -10.40
C LEU A 116 1.97 -15.12 -8.98
N LEU A 117 2.21 -14.05 -8.22
CA LEU A 117 2.62 -14.18 -6.83
C LEU A 117 1.49 -14.68 -5.92
N ILE A 118 0.27 -14.20 -6.15
CA ILE A 118 -0.88 -14.72 -5.41
C ILE A 118 -1.01 -16.23 -5.64
N ALA A 119 -0.87 -16.66 -6.90
CA ALA A 119 -0.94 -18.09 -7.23
C ALA A 119 0.17 -18.88 -6.51
N LEU A 120 1.39 -18.36 -6.57
CA LEU A 120 2.55 -18.98 -5.93
C LEU A 120 2.29 -19.24 -4.45
N LEU A 121 1.65 -18.28 -3.78
CA LEU A 121 1.40 -18.37 -2.34
C LEU A 121 0.25 -19.31 -1.98
N GLY A 122 -0.62 -19.60 -2.95
CA GLY A 122 -1.77 -20.46 -2.69
C GLY A 122 -3.13 -19.79 -2.84
N GLY A 123 -3.15 -18.65 -3.55
CA GLY A 123 -4.41 -17.96 -3.82
C GLY A 123 -4.68 -16.79 -2.90
N PRO A 124 -5.75 -16.03 -3.17
CA PRO A 124 -6.04 -14.84 -2.37
C PRO A 124 -6.13 -15.13 -0.88
N GLN A 125 -6.69 -16.29 -0.52
CA GLN A 125 -6.82 -16.70 0.87
C GLN A 125 -5.48 -16.79 1.59
N ALA A 126 -4.43 -17.10 0.84
CA ALA A 126 -3.09 -17.21 1.41
C ALA A 126 -2.57 -15.83 1.79
N VAL A 127 -2.97 -14.81 1.04
CA VAL A 127 -2.56 -13.46 1.38
C VAL A 127 -3.31 -12.95 2.64
N THR A 128 -4.61 -13.23 2.69
CA THR A 128 -5.38 -12.94 3.89
C THR A 128 -4.79 -13.66 5.11
N ALA A 129 -4.43 -14.94 4.94
CA ALA A 129 -3.83 -15.70 6.02
C ALA A 129 -2.54 -15.05 6.52
N TYR A 130 -1.72 -14.60 5.57
CA TYR A 130 -0.48 -13.92 5.97
C TYR A 130 -0.79 -12.67 6.81
N ALA A 131 -1.76 -11.87 6.37
CA ALA A 131 -2.17 -10.69 7.12
C ALA A 131 -2.59 -11.09 8.54
N ARG A 132 -3.38 -12.16 8.65
CA ARG A 132 -3.81 -12.61 9.97
C ARG A 132 -2.60 -12.95 10.84
N SER A 133 -1.60 -13.59 10.23
CA SER A 133 -0.40 -14.02 10.96
C SER A 133 0.39 -12.87 11.57
N ILE A 134 0.28 -11.67 10.98
CA ILE A 134 1.00 -10.53 11.53
C ILE A 134 0.12 -9.64 12.40
N GLY A 135 -1.07 -10.12 12.72
CA GLY A 135 -1.95 -9.40 13.64
C GLY A 135 -2.99 -8.53 12.97
N ASP A 136 -3.15 -8.67 11.66
CA ASP A 136 -4.15 -7.90 10.93
C ASP A 136 -5.41 -8.75 10.78
N ALA A 137 -6.42 -8.44 11.57
CA ALA A 137 -7.70 -9.15 11.52
C ALA A 137 -8.68 -8.54 10.53
N THR A 138 -8.26 -7.47 9.87
CA THR A 138 -9.18 -6.63 9.09
C THR A 138 -9.04 -6.84 7.58
N PHE A 139 -7.80 -6.85 7.13
CA PHE A 139 -7.46 -7.05 5.72
C PHE A 139 -8.15 -8.31 5.18
N ARG A 140 -8.74 -8.18 4.00
CA ARG A 140 -9.23 -9.37 3.30
C ARG A 140 -9.00 -9.23 1.79
N LEU A 141 -8.27 -10.20 1.22
CA LEU A 141 -8.12 -10.28 -0.23
C LEU A 141 -9.02 -11.38 -0.77
N ASP A 142 -9.95 -11.00 -1.64
CA ASP A 142 -10.98 -11.93 -2.09
C ASP A 142 -10.85 -12.30 -3.55
N ARG A 143 -10.36 -11.36 -4.36
CA ARG A 143 -10.26 -11.57 -5.79
C ARG A 143 -8.84 -11.31 -6.29
N ARG A 144 -8.63 -11.53 -7.58
CA ARG A 144 -7.34 -11.28 -8.20
C ARG A 144 -7.41 -10.00 -9.02
N GLU A 145 -6.30 -9.63 -9.64
CA GLU A 145 -6.28 -8.51 -10.57
C GLU A 145 -6.99 -8.91 -11.86
N THR A 146 -7.82 -8.02 -12.43
CA THR A 146 -8.03 -6.66 -11.94
C THR A 146 -9.38 -6.47 -11.24
N GLU A 147 -10.12 -7.55 -11.05
CA GLU A 147 -11.45 -7.46 -10.42
C GLU A 147 -11.43 -6.87 -9.01
N LEU A 148 -10.31 -7.02 -8.31
CA LEU A 148 -10.24 -6.51 -6.94
C LEU A 148 -10.32 -4.97 -6.85
N ASN A 149 -10.27 -4.29 -8.00
CA ASN A 149 -10.34 -2.83 -8.02
C ASN A 149 -11.73 -2.23 -8.26
N THR A 150 -12.77 -3.06 -8.20
CA THR A 150 -14.12 -2.58 -8.52
C THR A 150 -14.61 -1.48 -7.55
N ALA A 151 -14.15 -1.55 -6.30
CA ALA A 151 -14.41 -0.48 -5.33
C ALA A 151 -15.90 -0.15 -5.18
N ILE A 152 -16.74 -1.17 -5.18
CA ILE A 152 -18.18 -0.96 -5.13
C ILE A 152 -18.59 -0.57 -3.70
N PRO A 153 -19.37 0.52 -3.58
CA PRO A 153 -19.82 0.95 -2.25
C PRO A 153 -20.57 -0.14 -1.50
N GLY A 154 -20.17 -0.40 -0.27
CA GLY A 154 -20.78 -1.43 0.54
C GLY A 154 -20.20 -2.82 0.33
N ASP A 155 -19.37 -2.97 -0.70
CA ASP A 155 -18.73 -4.25 -0.96
C ASP A 155 -17.50 -4.39 -0.07
N GLU A 156 -17.49 -5.40 0.79
CA GLU A 156 -16.36 -5.55 1.70
C GLU A 156 -15.22 -6.41 1.14
N ARG A 157 -15.42 -6.98 -0.04
CA ARG A 157 -14.34 -7.72 -0.70
C ARG A 157 -13.16 -6.79 -0.97
N ASP A 158 -11.94 -7.29 -0.71
CA ASP A 158 -10.72 -6.56 -1.06
C ASP A 158 -10.65 -5.19 -0.38
N THR A 159 -10.97 -5.19 0.91
CA THR A 159 -10.93 -3.98 1.72
C THR A 159 -10.09 -4.15 2.98
N THR A 160 -9.72 -3.01 3.54
CA THR A 160 -9.17 -2.96 4.87
C THR A 160 -9.53 -1.61 5.46
N THR A 161 -9.07 -1.31 6.68
CA THR A 161 -9.26 0.03 7.24
C THR A 161 -7.92 0.75 7.28
N PRO A 162 -7.93 2.08 7.30
CA PRO A 162 -6.66 2.81 7.44
C PRO A 162 -5.89 2.41 8.70
N ALA A 163 -6.60 2.22 9.83
CA ALA A 163 -5.94 1.81 11.07
C ALA A 163 -5.24 0.45 10.93
N ALA A 164 -5.94 -0.53 10.37
CA ALA A 164 -5.35 -1.86 10.23
C ALA A 164 -4.16 -1.85 9.28
N MET A 165 -4.30 -1.16 8.15
CA MET A 165 -3.19 -1.11 7.21
C MET A 165 -1.98 -0.35 7.78
N ALA A 166 -2.21 0.71 8.54
CA ALA A 166 -1.11 1.42 9.17
C ALA A 166 -0.38 0.53 10.18
N ALA A 167 -1.12 -0.22 10.99
CA ALA A 167 -0.49 -1.12 11.94
C ALA A 167 0.34 -2.18 11.21
N SER A 168 -0.18 -2.70 10.10
CA SER A 168 0.54 -3.71 9.34
C SER A 168 1.77 -3.14 8.66
N VAL A 169 1.64 -1.96 8.06
CA VAL A 169 2.80 -1.31 7.45
C VAL A 169 3.89 -1.03 8.49
N ARG A 170 3.48 -0.56 9.66
CA ARG A 170 4.42 -0.35 10.75
C ARG A 170 5.17 -1.65 11.08
N ARG A 171 4.43 -2.74 11.29
CA ARG A 171 5.07 -4.01 11.65
C ARG A 171 6.02 -4.54 10.57
N LEU A 172 5.62 -4.37 9.31
CA LEU A 172 6.38 -4.88 8.18
C LEU A 172 7.64 -4.08 7.84
N LEU A 173 7.50 -2.75 7.81
CA LEU A 173 8.60 -1.91 7.33
C LEU A 173 9.51 -1.38 8.44
N VAL A 174 8.95 -1.24 9.64
CA VAL A 174 9.68 -0.68 10.79
C VAL A 174 9.88 -1.72 11.90
N GLY A 175 8.84 -2.49 12.18
CA GLY A 175 8.85 -3.46 13.27
C GLY A 175 9.44 -4.80 12.90
N ASP A 176 9.01 -5.84 13.60
CA ASP A 176 9.65 -7.14 13.49
C ASP A 176 8.78 -8.24 12.89
N ALA A 177 7.81 -7.88 12.05
CA ALA A 177 7.02 -8.91 11.37
C ALA A 177 7.87 -9.77 10.42
N LEU A 178 8.86 -9.14 9.77
CA LEU A 178 9.78 -9.86 8.90
C LEU A 178 11.17 -9.95 9.53
N GLY A 179 11.97 -10.89 9.07
CA GLY A 179 13.39 -10.91 9.42
C GLY A 179 14.10 -9.69 8.89
N THR A 180 15.27 -9.39 9.45
CA THR A 180 16.06 -8.22 9.10
C THR A 180 16.28 -8.05 7.59
N ALA A 181 16.75 -9.12 6.94
CA ALA A 181 17.07 -9.07 5.52
C ALA A 181 15.81 -8.85 4.68
N GLN A 182 14.72 -9.47 5.11
CA GLN A 182 13.47 -9.37 4.36
C GLN A 182 12.83 -7.98 4.50
N ARG A 183 12.88 -7.43 5.71
CA ARG A 183 12.42 -6.08 5.95
C ARG A 183 13.22 -5.08 5.09
N ALA A 184 14.53 -5.29 5.02
CA ALA A 184 15.38 -4.43 4.21
C ALA A 184 15.01 -4.49 2.74
N GLN A 185 14.73 -5.69 2.25
CA GLN A 185 14.35 -5.84 0.85
C GLN A 185 12.97 -5.23 0.56
N LEU A 186 12.03 -5.41 1.47
CA LEU A 186 10.70 -4.81 1.25
C LEU A 186 10.82 -3.28 1.20
N ASN A 187 11.57 -2.71 2.14
CA ASN A 187 11.85 -1.30 2.12
C ASN A 187 12.56 -0.85 0.84
N ALA A 188 13.57 -1.61 0.43
CA ALA A 188 14.30 -1.24 -0.77
C ALA A 188 13.40 -1.18 -2.01
N TRP A 189 12.53 -2.19 -2.16
CA TRP A 189 11.61 -2.19 -3.28
C TRP A 189 10.70 -0.98 -3.22
N MET A 190 10.15 -0.70 -2.04
CA MET A 190 9.18 0.40 -1.91
C MET A 190 9.81 1.79 -1.99
N LEU A 191 11.07 1.89 -1.59
CA LEU A 191 11.82 3.16 -1.73
C LEU A 191 12.00 3.49 -3.20
N GLY A 192 12.10 2.45 -4.03
CA GLY A 192 12.28 2.63 -5.46
C GLY A 192 10.99 2.62 -6.27
N ASN A 193 9.85 2.81 -5.61
CA ASN A 193 8.59 2.87 -6.34
C ASN A 193 8.62 3.95 -7.41
N LYS A 194 8.02 3.66 -8.56
CA LYS A 194 7.99 4.64 -9.66
C LYS A 194 6.63 5.32 -9.84
N THR A 195 5.61 4.83 -9.14
CA THR A 195 4.24 5.27 -9.37
C THR A 195 3.73 6.32 -8.37
N GLY A 196 4.55 6.70 -7.40
CA GLY A 196 4.06 7.51 -6.31
C GLY A 196 4.56 8.94 -6.20
N ASP A 197 5.19 9.47 -7.25
CA ASP A 197 5.78 10.80 -7.17
C ASP A 197 4.80 11.93 -6.83
N ALA A 198 3.53 11.76 -7.19
CA ALA A 198 2.52 12.81 -6.99
C ALA A 198 1.67 12.61 -5.74
N ARG A 199 1.98 11.57 -4.96
CA ARG A 199 1.12 11.25 -3.82
C ARG A 199 1.82 11.56 -2.49
N ILE A 200 2.06 10.58 -1.62
CA ILE A 200 2.72 10.87 -0.34
C ILE A 200 4.01 11.66 -0.55
N ARG A 201 4.81 11.24 -1.53
CA ARG A 201 6.08 11.87 -1.84
C ARG A 201 5.95 13.36 -2.14
N ALA A 202 4.82 13.76 -2.72
CA ALA A 202 4.61 15.15 -3.09
C ALA A 202 4.16 16.00 -1.91
N GLY A 203 3.74 15.37 -0.82
CA GLY A 203 3.18 16.10 0.30
C GLY A 203 4.13 16.28 1.47
N VAL A 204 5.11 15.39 1.60
CA VAL A 204 6.03 15.42 2.73
C VAL A 204 7.31 16.15 2.37
N PRO A 205 8.07 16.60 3.38
CA PRO A 205 9.31 17.32 3.08
C PRO A 205 10.26 16.53 2.16
N ALA A 206 10.91 17.24 1.24
CA ALA A 206 11.80 16.60 0.27
C ALA A 206 12.97 15.88 0.95
N GLY A 207 13.34 16.32 2.14
CA GLY A 207 14.41 15.70 2.88
C GLY A 207 14.05 14.32 3.42
N TRP A 208 12.77 13.99 3.42
CA TRP A 208 12.31 12.70 3.92
C TRP A 208 12.37 11.64 2.81
N ARG A 209 12.94 10.49 3.11
CA ARG A 209 12.90 9.38 2.17
C ARG A 209 11.59 8.63 2.32
N VAL A 210 10.97 8.24 1.22
CA VAL A 210 9.66 7.61 1.28
C VAL A 210 9.67 6.25 0.61
N ALA A 211 9.20 5.25 1.35
CA ALA A 211 8.92 3.93 0.81
C ALA A 211 7.40 3.85 0.69
N ASP A 212 6.84 3.73 -0.52
CA ASP A 212 5.40 3.76 -0.68
C ASP A 212 4.91 2.76 -1.71
N LYS A 213 3.62 2.45 -1.63
CA LYS A 213 2.91 1.68 -2.65
C LYS A 213 1.57 2.34 -2.89
N THR A 214 1.30 2.71 -4.15
CA THR A 214 0.05 3.33 -4.54
C THR A 214 -1.06 2.31 -4.83
N GLY A 215 -2.29 2.81 -4.88
CA GLY A 215 -3.39 2.01 -5.39
C GLY A 215 -4.35 2.95 -6.09
N THR A 216 -4.91 2.50 -7.20
CA THR A 216 -5.91 3.27 -7.93
C THR A 216 -6.96 2.30 -8.44
N GLY A 217 -8.22 2.69 -8.35
CA GLY A 217 -9.29 1.80 -8.78
C GLY A 217 -10.55 2.57 -9.19
N ASP A 218 -11.64 1.83 -9.35
CA ASP A 218 -12.90 2.43 -9.79
C ASP A 218 -13.46 3.36 -8.72
N TYR A 219 -14.51 4.11 -9.06
CA TYR A 219 -15.06 5.12 -8.17
C TYR A 219 -14.00 6.10 -7.70
N GLY A 220 -13.06 6.42 -8.58
CA GLY A 220 -12.05 7.41 -8.28
C GLY A 220 -11.24 7.06 -7.05
N THR A 221 -10.99 5.77 -6.85
CA THR A 221 -10.26 5.34 -5.66
C THR A 221 -8.78 5.65 -5.81
N GLY A 222 -8.23 6.41 -4.86
CA GLY A 222 -6.86 6.86 -4.94
C GLY A 222 -6.18 6.68 -3.60
N ASN A 223 -5.19 5.79 -3.57
CA ASN A 223 -4.56 5.34 -2.33
C ASN A 223 -3.05 5.45 -2.37
N ASP A 224 -2.45 5.53 -1.19
CA ASP A 224 -0.99 5.44 -1.06
C ASP A 224 -0.66 5.07 0.38
N ILE A 225 0.19 4.07 0.56
CA ILE A 225 0.60 3.65 1.90
C ILE A 225 2.11 3.57 1.94
N GLY A 226 2.67 3.75 3.13
CA GLY A 226 4.09 3.58 3.26
C GLY A 226 4.69 4.19 4.50
N VAL A 227 6.00 4.39 4.45
CA VAL A 227 6.74 4.96 5.57
C VAL A 227 7.65 6.09 5.07
N ALA A 228 7.63 7.22 5.78
CA ALA A 228 8.56 8.32 5.52
C ALA A 228 9.67 8.23 6.55
N TYR A 229 10.90 8.39 6.08
CA TYR A 229 12.08 8.36 6.95
C TYR A 229 12.74 9.74 7.00
N PRO A 230 12.40 10.54 8.03
CA PRO A 230 13.08 11.85 8.16
C PRO A 230 14.56 11.65 8.50
N PRO A 231 15.39 12.65 8.19
CA PRO A 231 16.82 12.48 8.51
C PRO A 231 17.11 12.66 10.00
N ASP A 232 16.19 13.29 10.73
CA ASP A 232 16.44 13.69 12.12
C ASP A 232 15.37 13.20 13.11
N ARG A 233 14.55 12.24 12.69
CA ARG A 233 13.44 11.77 13.49
C ARG A 233 13.19 10.33 13.13
N ALA A 234 12.42 9.65 13.98
CA ALA A 234 11.98 8.28 13.73
C ALA A 234 11.00 8.23 12.55
N PRO A 235 10.87 7.05 11.93
CA PRO A 235 9.95 6.88 10.81
C PRO A 235 8.50 7.21 11.15
N ILE A 236 7.80 7.70 10.14
CA ILE A 236 6.37 8.00 10.25
C ILE A 236 5.63 7.16 9.23
N VAL A 237 4.64 6.39 9.70
CA VAL A 237 3.82 5.58 8.82
C VAL A 237 2.69 6.43 8.25
N PHE A 238 2.47 6.33 6.93
CA PHE A 238 1.37 7.05 6.28
C PHE A 238 0.47 6.06 5.57
N VAL A 239 -0.84 6.14 5.83
CA VAL A 239 -1.81 5.40 5.07
C VAL A 239 -2.88 6.37 4.60
N VAL A 240 -3.03 6.51 3.28
CA VAL A 240 -4.03 7.39 2.71
C VAL A 240 -4.93 6.63 1.78
N TYR A 241 -6.22 6.58 2.09
CA TYR A 241 -7.21 5.95 1.24
C TYR A 241 -8.25 7.00 0.88
N THR A 242 -8.62 7.08 -0.40
CA THR A 242 -9.73 7.93 -0.81
C THR A 242 -10.60 7.17 -1.79
N THR A 243 -11.90 7.44 -1.74
CA THR A 243 -12.78 6.90 -2.76
C THR A 243 -13.93 7.88 -2.95
N MET A 244 -14.64 7.76 -4.06
CA MET A 244 -15.54 8.83 -4.47
C MET A 244 -16.93 8.30 -4.67
N ARG A 245 -17.90 9.22 -4.70
CA ARG A 245 -19.28 8.80 -4.77
C ARG A 245 -19.72 8.45 -6.20
N SER A 246 -19.05 9.01 -7.21
CA SER A 246 -19.41 8.77 -8.62
C SER A 246 -18.53 7.72 -9.30
N ARG A 247 -19.13 6.86 -10.13
CA ARG A 247 -18.40 5.92 -11.04
C ARG A 247 -17.61 6.66 -12.10
N ASN A 248 -17.88 7.92 -12.31
CA ASN A 248 -17.15 8.73 -13.29
C ASN A 248 -16.01 9.51 -12.64
N ALA A 249 -15.80 9.27 -11.35
CA ALA A 249 -14.77 9.98 -10.62
C ALA A 249 -13.40 9.45 -11.00
N GLN A 250 -12.39 10.29 -10.84
CA GLN A 250 -11.02 9.88 -11.02
C GLN A 250 -10.24 10.09 -9.73
N ALA A 251 -9.22 9.26 -9.51
CA ALA A 251 -8.34 9.46 -8.36
C ALA A 251 -7.69 10.84 -8.39
N ARG A 252 -7.47 11.40 -7.20
CA ARG A 252 -6.92 12.73 -7.04
C ARG A 252 -5.57 12.69 -6.32
N ASP A 253 -4.48 12.69 -7.07
CA ASP A 253 -3.14 12.74 -6.50
C ASP A 253 -3.02 13.89 -5.50
N ASP A 254 -3.57 15.04 -5.87
CA ASP A 254 -3.39 16.24 -5.05
C ASP A 254 -3.99 16.10 -3.66
N VAL A 255 -5.13 15.43 -3.55
CA VAL A 255 -5.78 15.21 -2.26
C VAL A 255 -4.90 14.33 -1.38
N ILE A 256 -4.33 13.29 -1.98
CA ILE A 256 -3.46 12.37 -1.26
C ILE A 256 -2.20 13.09 -0.74
N ALA A 257 -1.56 13.87 -1.61
CA ALA A 257 -0.42 14.69 -1.20
C ALA A 257 -0.81 15.68 -0.11
N SER A 258 -1.97 16.32 -0.26
CA SER A 258 -2.43 17.29 0.73
C SER A 258 -2.63 16.68 2.12
N ALA A 259 -3.22 15.50 2.16
CA ALA A 259 -3.42 14.80 3.43
C ALA A 259 -2.08 14.53 4.12
N ALA A 260 -1.11 14.04 3.37
CA ALA A 260 0.22 13.77 3.92
C ALA A 260 0.89 15.06 4.40
N ARG A 261 0.73 16.13 3.63
CA ARG A 261 1.29 17.44 3.95
C ARG A 261 0.77 17.96 5.29
N ILE A 262 -0.54 17.84 5.50
CA ILE A 262 -1.18 18.24 6.74
C ILE A 262 -0.59 17.51 7.94
N ALA A 263 -0.42 16.19 7.82
CA ALA A 263 0.12 15.41 8.92
C ALA A 263 1.59 15.67 9.18
N ALA A 264 2.36 15.85 8.11
CA ALA A 264 3.80 16.10 8.24
C ALA A 264 4.06 17.36 9.04
N ARG A 265 3.23 18.38 8.83
CA ARG A 265 3.36 19.64 9.54
C ARG A 265 3.07 19.51 11.04
N ALA A 266 2.30 18.48 11.43
CA ALA A 266 1.93 18.29 12.81
C ALA A 266 2.99 17.53 13.60
N PHE A 267 3.72 16.64 12.92
CA PHE A 267 4.69 15.79 13.59
C PHE A 267 6.07 16.46 13.64
N VAL A 268 6.13 17.57 14.38
CA VAL A 268 7.37 18.33 14.51
C VAL A 268 7.90 18.25 15.94
C1 GOL B . 17.81 11.32 3.33
O1 GOL B . 18.98 10.95 2.65
C2 GOL B . 17.42 10.24 4.31
O2 GOL B . 18.56 9.81 5.02
C3 GOL B . 16.38 10.80 5.25
O3 GOL B . 15.96 9.77 6.12
C1 GOL C . 1.76 22.46 -3.19
O1 GOL C . 1.77 22.96 -1.88
C2 GOL C . 0.34 22.05 -3.53
O2 GOL C . -0.57 22.86 -2.83
C3 GOL C . 0.09 22.24 -5.03
O3 GOL C . -1.01 21.44 -5.41
#